data_7I2D
#
_entry.id   7I2D
#
_cell.length_a   82.471
_cell.length_b   116.817
_cell.length_c   148.610
_cell.angle_alpha   90.00
_cell.angle_beta   90.00
_cell.angle_gamma   90.00
#
_symmetry.space_group_name_H-M   'I 2 2 2'
#
loop_
_entity.id
_entity.type
_entity.pdbx_description
1 polymer 'NS5 RNA-dependent RNA polymerase'
2 non-polymer 'ZINC ION'
3 non-polymer '2-(N-MORPHOLINO)-ETHANESULFONIC ACID'
4 non-polymer 'DIMETHYL SULFOXIDE'
5 non-polymer DI(HYDROXYETHYL)ETHER
6 non-polymer 'PHOSPHATE ION'
7 non-polymer 2-[(3-fluorophenyl)methyl]-1lambda~6~,2-thiazolidine-1,1-dione
8 water water
#
_entity_poly.entity_id   1
_entity_poly.type   'polypeptide(L)'
_entity_poly.pdbx_seq_one_letter_code
;GPGIESETPNLDIIGKRIEKIKQEHETSWHYDQDHPYKTWAYHGSYETKQTGSASSMVNGVVRLLTKPWDIIPMVTQMAM
TDTTPFGQQRVFKEKVDTRTQEPKEGTKKLMKITAEWLWKELGKKKTPRMCTREEFTRKVRSNAALGAIFTDENKWKSAR
EAVEDSGFWELVDKERNLHLEGKCETCVYNMMGKREKKLGEFGKAKGSRAIWYMWLGARFLEFEALGFLNEDHWFSRENS
LSGVEGEGLHKLGYILRDVSKKEGGAMYADDTAGWDTRITLEDLKNEEMVTNHMEGEHKKLAEAIFKLTYQNKVVRVQRP
TPRGTVMDIISRRDQRGSGQVVTYGLNTFTNMEAQLIRQMEGEGVFKSIQHLTVTEEIAVKNWLVRVGRERLSRMAISGD
DCVVKPLDDRFASALTALNDMGKVRKDIQQWEPSRGWNDWTQVPFCSHHFHELIMKDGRVLVVPCRNQDELIGRARISQG
AGWSLRETACLGKSYAQMWSLMYFHRRDLRLAANAICSAVPSHWVPTSRTTWSIHATHEWMTTEDMLTVWNRVWIQENPW
MEDKTPVESWEEIPYLGKREDQWCGSLIGLTSRATWAKNIQTAINQVRSLIGNEEYTDYMPSMKRFRREEEEAGVLW
;
_entity_poly.pdbx_strand_id   A
#
loop_
_chem_comp.id
_chem_comp.type
_chem_comp.name
_chem_comp.formula
DMS non-polymer 'DIMETHYL SULFOXIDE' 'C2 H6 O S'
MES non-polymer '2-(N-MORPHOLINO)-ETHANESULFONIC ACID' 'C6 H13 N O4 S'
PEG non-polymer DI(HYDROXYETHYL)ETHER 'C4 H10 O3'
PO4 non-polymer 'PHOSPHATE ION' 'O4 P -3'
WHM non-polymer 2-[(3-fluorophenyl)methyl]-1lambda~6~,2-thiazolidine-1,1-dione 'C10 H12 F N O2 S'
ZN non-polymer 'ZINC ION' 'Zn 2'
#
# COMPACT_ATOMS: atom_id res chain seq x y z
N ASN A 10 -23.44 -18.97 -13.17
CA ASN A 10 -23.49 -18.93 -11.68
C ASN A 10 -22.84 -20.22 -11.15
N LEU A 11 -23.65 -21.13 -10.59
CA LEU A 11 -23.18 -22.37 -9.91
C LEU A 11 -22.31 -23.18 -10.89
N ASP A 12 -22.47 -22.91 -12.19
CA ASP A 12 -21.62 -23.45 -13.28
C ASP A 12 -20.14 -23.43 -12.83
N ILE A 13 -19.67 -22.24 -12.42
CA ILE A 13 -18.22 -21.91 -12.20
C ILE A 13 -17.77 -22.07 -10.75
N ILE A 14 -18.66 -21.78 -9.79
CA ILE A 14 -18.38 -21.80 -8.32
C ILE A 14 -18.88 -23.11 -7.68
N GLY A 15 -19.74 -23.86 -8.37
CA GLY A 15 -20.39 -25.09 -7.82
C GLY A 15 -19.42 -26.09 -7.23
N LYS A 16 -18.38 -26.44 -7.99
CA LYS A 16 -17.33 -27.42 -7.63
C LYS A 16 -16.70 -27.05 -6.29
N ARG A 17 -16.26 -25.79 -6.16
CA ARG A 17 -15.66 -25.25 -4.90
C ARG A 17 -16.65 -25.38 -3.74
N ILE A 18 -17.93 -25.09 -4.02
CA ILE A 18 -19.04 -25.18 -3.02
C ILE A 18 -19.20 -26.67 -2.65
N GLU A 19 -19.46 -27.51 -3.66
CA GLU A 19 -19.64 -28.99 -3.51
C GLU A 19 -18.55 -29.56 -2.60
N LYS A 20 -17.28 -29.25 -2.89
CA LYS A 20 -16.12 -29.78 -2.14
C LYS A 20 -16.15 -29.35 -0.68
N ILE A 21 -16.61 -28.13 -0.38
CA ILE A 21 -16.64 -27.67 1.05
C ILE A 21 -17.83 -28.36 1.75
N LYS A 22 -19.00 -28.42 1.09
CA LYS A 22 -20.21 -29.14 1.58
C LYS A 22 -19.82 -30.54 2.10
N GLN A 23 -19.19 -31.34 1.25
CA GLN A 23 -18.76 -32.71 1.64
C GLN A 23 -17.84 -32.68 2.87
N GLU A 24 -16.83 -31.81 2.90
CA GLU A 24 -15.85 -31.84 4.02
C GLU A 24 -16.55 -31.51 5.34
N HIS A 25 -17.79 -31.02 5.27
CA HIS A 25 -18.56 -30.69 6.49
C HIS A 25 -19.98 -31.24 6.35
N GLU A 26 -20.13 -32.45 5.79
CA GLU A 26 -21.48 -33.03 5.52
C GLU A 26 -22.26 -33.12 6.83
N THR A 27 -21.57 -33.18 7.97
CA THR A 27 -22.29 -33.39 9.26
C THR A 27 -22.59 -32.06 9.95
N SER A 28 -22.66 -30.96 9.20
CA SER A 28 -23.04 -29.65 9.81
C SER A 28 -23.52 -28.65 8.76
N TRP A 29 -24.13 -29.13 7.68
CA TRP A 29 -24.49 -28.20 6.56
C TRP A 29 -25.84 -27.51 6.86
N HIS A 30 -25.86 -26.58 7.82
CA HIS A 30 -27.11 -25.86 8.16
C HIS A 30 -27.34 -24.68 7.20
N TYR A 31 -28.50 -24.66 6.53
CA TYR A 31 -28.84 -23.52 5.62
C TYR A 31 -29.58 -22.47 6.41
N ASP A 32 -28.86 -21.66 7.22
CA ASP A 32 -29.51 -20.65 8.09
C ASP A 32 -30.42 -19.73 7.27
N GLN A 33 -31.68 -19.56 7.70
CA GLN A 33 -32.60 -18.62 7.01
C GLN A 33 -32.45 -17.25 7.69
N ASP A 34 -31.70 -17.21 8.80
CA ASP A 34 -31.47 -15.93 9.51
C ASP A 34 -30.16 -15.33 8.98
N HIS A 35 -29.76 -15.70 7.76
CA HIS A 35 -28.49 -15.22 7.15
C HIS A 35 -28.61 -13.73 6.84
N PRO A 36 -27.64 -12.91 7.28
CA PRO A 36 -27.73 -11.45 7.14
C PRO A 36 -27.45 -10.87 5.74
N TYR A 37 -27.01 -11.69 4.79
CA TYR A 37 -26.48 -11.24 3.47
C TYR A 37 -27.63 -10.79 2.58
N LYS A 38 -27.48 -9.61 1.97
CA LYS A 38 -28.43 -9.05 0.96
C LYS A 38 -27.78 -9.06 -0.43
N THR A 39 -26.56 -8.49 -0.55
CA THR A 39 -25.86 -8.26 -1.84
C THR A 39 -24.92 -9.45 -2.15
N TRP A 40 -24.54 -10.21 -1.12
CA TRP A 40 -23.71 -11.44 -1.22
C TRP A 40 -24.64 -12.66 -1.25
N ALA A 41 -24.60 -13.41 -2.37
CA ALA A 41 -25.38 -14.66 -2.46
C ALA A 41 -24.91 -15.63 -1.37
N TYR A 42 -25.85 -16.17 -0.59
CA TYR A 42 -25.51 -17.14 0.48
C TYR A 42 -25.73 -18.54 -0.07
N HIS A 43 -24.90 -19.50 0.36
CA HIS A 43 -24.99 -20.87 -0.20
C HIS A 43 -25.30 -21.87 0.92
N GLY A 44 -24.58 -21.77 2.04
CA GLY A 44 -24.77 -22.74 3.14
C GLY A 44 -23.92 -22.40 4.34
N SER A 45 -24.03 -23.19 5.41
CA SER A 45 -23.27 -22.92 6.65
C SER A 45 -22.72 -24.21 7.26
N TYR A 46 -21.80 -24.10 8.20
CA TYR A 46 -21.17 -25.29 8.86
C TYR A 46 -20.41 -24.81 10.12
N GLU A 47 -20.09 -25.76 11.02
CA GLU A 47 -19.62 -25.50 12.41
C GLU A 47 -18.09 -25.34 12.45
N THR A 48 -17.61 -24.27 13.09
CA THR A 48 -16.18 -23.99 13.36
C THR A 48 -16.06 -23.43 14.79
N LYS A 49 -14.89 -22.91 15.16
CA LYS A 49 -14.62 -22.32 16.51
C LYS A 49 -13.35 -21.47 16.46
N ALA A 54 -6.48 -11.81 17.45
CA ALA A 54 -5.22 -11.23 16.94
C ALA A 54 -5.18 -9.73 17.27
N SER A 55 -4.77 -9.38 18.50
CA SER A 55 -4.71 -7.99 19.03
C SER A 55 -3.31 -7.40 18.85
N SER A 56 -3.19 -6.08 18.97
CA SER A 56 -1.94 -5.30 18.88
C SER A 56 -1.22 -5.31 20.24
N MET A 57 0.02 -5.83 20.28
CA MET A 57 0.81 -5.90 21.52
C MET A 57 1.75 -4.68 21.59
N VAL A 58 2.13 -4.26 22.78
CA VAL A 58 3.06 -3.13 22.93
C VAL A 58 4.52 -3.58 22.81
N ASN A 59 5.34 -2.84 22.06
CA ASN A 59 6.81 -2.93 22.04
C ASN A 59 7.40 -2.20 23.27
N GLY A 60 7.87 -2.94 24.26
CA GLY A 60 8.42 -2.40 25.52
C GLY A 60 9.72 -1.63 25.36
N VAL A 61 10.56 -2.02 24.41
CA VAL A 61 11.79 -1.27 24.15
C VAL A 61 11.43 0.15 23.67
N VAL A 62 10.54 0.30 22.69
CA VAL A 62 10.18 1.65 22.16
C VAL A 62 9.41 2.42 23.27
N ARG A 63 8.50 1.79 24.00
CA ARG A 63 7.70 2.53 25.00
C ARG A 63 8.63 3.01 26.12
N LEU A 64 9.58 2.21 26.58
CA LEU A 64 10.45 2.65 27.70
C LEU A 64 11.27 3.85 27.26
N LEU A 65 11.54 3.98 25.98
CA LEU A 65 12.39 5.14 25.49
C LEU A 65 11.55 6.30 24.96
N THR A 66 10.23 6.25 25.10
CA THR A 66 9.33 7.35 24.69
C THR A 66 8.39 7.70 25.87
N LYS A 67 8.93 7.86 27.06
CA LYS A 67 8.08 8.04 28.26
C LYS A 67 7.13 9.26 28.14
N PRO A 68 7.50 10.42 27.60
CA PRO A 68 6.59 11.58 27.62
C PRO A 68 5.24 11.28 26.94
N TRP A 69 5.23 10.30 26.02
CA TRP A 69 4.03 9.94 25.22
C TRP A 69 3.16 8.98 26.00
N ASP A 70 3.61 8.51 27.18
CA ASP A 70 2.74 7.60 27.99
C ASP A 70 1.44 8.30 28.46
N ILE A 71 1.39 9.62 28.43
CA ILE A 71 0.26 10.45 28.90
C ILE A 71 -0.41 11.19 27.74
N ILE A 72 -0.12 10.83 26.49
CA ILE A 72 -0.75 11.44 25.29
C ILE A 72 -1.73 10.44 24.73
N PRO A 73 -3.04 10.67 24.94
CA PRO A 73 -4.08 9.75 24.46
C PRO A 73 -4.02 9.38 22.98
N MET A 74 -3.65 10.32 22.11
CA MET A 74 -3.54 9.97 20.66
C MET A 74 -2.51 8.85 20.41
N VAL A 75 -1.49 8.71 21.26
CA VAL A 75 -0.49 7.64 21.15
C VAL A 75 -1.01 6.40 21.87
N THR A 76 -1.43 6.54 23.12
CA THR A 76 -1.77 5.38 24.00
C THR A 76 -3.03 4.67 23.54
N GLN A 77 -3.99 5.39 22.96
CA GLN A 77 -5.23 4.74 22.46
C GLN A 77 -4.96 3.87 21.23
N MET A 78 -3.92 4.16 20.45
CA MET A 78 -3.62 3.39 19.21
C MET A 78 -3.37 1.93 19.54
N ALA A 79 -2.87 1.60 20.73
CA ALA A 79 -2.52 0.21 21.12
C ALA A 79 -3.74 -0.54 21.69
N MET A 80 -4.89 0.12 21.91
CA MET A 80 -6.06 -0.54 22.55
C MET A 80 -6.97 -1.20 21.50
N THR A 81 -7.81 -2.17 21.91
CA THR A 81 -9.03 -2.60 21.19
C THR A 81 -9.20 -4.11 21.10
N LYS A 93 -17.24 -5.55 7.13
CA LYS A 93 -18.16 -4.64 7.86
C LYS A 93 -19.49 -4.56 7.09
N GLU A 94 -20.14 -3.38 7.12
CA GLU A 94 -21.44 -3.11 6.45
C GLU A 94 -21.19 -2.21 5.22
N LYS A 95 -20.06 -2.41 4.55
CA LYS A 95 -19.71 -1.77 3.25
C LYS A 95 -19.38 -2.86 2.23
N VAL A 96 -18.94 -4.03 2.72
CA VAL A 96 -18.71 -5.25 1.88
C VAL A 96 -20.07 -5.73 1.35
N ASP A 97 -21.12 -5.62 2.16
CA ASP A 97 -22.50 -6.05 1.81
C ASP A 97 -23.27 -4.86 1.22
N THR A 98 -22.64 -4.13 0.28
CA THR A 98 -23.28 -3.05 -0.52
C THR A 98 -23.23 -3.44 -2.01
N ARG A 99 -23.99 -2.75 -2.86
CA ARG A 99 -24.05 -3.01 -4.32
C ARG A 99 -23.66 -1.73 -5.08
N THR A 100 -23.14 -1.90 -6.31
CA THR A 100 -22.74 -0.79 -7.20
C THR A 100 -23.55 -0.89 -8.49
N GLN A 101 -24.33 0.14 -8.84
CA GLN A 101 -25.14 0.17 -10.08
C GLN A 101 -24.21 0.01 -11.30
N GLU A 102 -24.73 -0.55 -12.40
CA GLU A 102 -24.04 -0.66 -13.71
C GLU A 102 -23.86 0.74 -14.30
N PRO A 103 -22.63 1.10 -14.73
CA PRO A 103 -22.42 2.37 -15.43
C PRO A 103 -23.26 2.44 -16.70
N LYS A 104 -23.46 3.64 -17.25
CA LYS A 104 -24.18 3.91 -18.53
C LYS A 104 -23.29 3.55 -19.72
N GLU A 105 -23.85 3.53 -20.92
CA GLU A 105 -23.18 3.06 -22.16
C GLU A 105 -22.02 4.00 -22.52
N GLY A 106 -22.21 5.32 -22.41
CA GLY A 106 -21.14 6.32 -22.63
C GLY A 106 -19.95 6.05 -21.69
N THR A 107 -20.24 5.81 -20.40
CA THR A 107 -19.21 5.51 -19.35
C THR A 107 -18.44 4.24 -19.71
N LYS A 108 -19.15 3.13 -19.96
CA LYS A 108 -18.57 1.82 -20.36
C LYS A 108 -17.66 1.99 -21.59
N LYS A 109 -18.10 2.71 -22.62
CA LYS A 109 -17.31 3.00 -23.83
C LYS A 109 -16.02 3.74 -23.45
N LEU A 110 -16.13 4.79 -22.62
CA LEU A 110 -14.95 5.64 -22.21
C LEU A 110 -13.92 4.77 -21.46
N MET A 111 -14.39 3.93 -20.59
CA MET A 111 -13.53 2.97 -19.84
C MET A 111 -12.81 1.97 -20.76
N LYS A 112 -13.53 1.39 -21.72
CA LYS A 112 -13.03 0.33 -22.63
C LYS A 112 -11.91 0.91 -23.50
N ILE A 113 -12.17 2.07 -24.12
CA ILE A 113 -11.18 2.77 -24.97
C ILE A 113 -9.96 3.16 -24.14
N THR A 114 -10.18 3.73 -22.93
CA THR A 114 -9.06 4.19 -22.07
C THR A 114 -8.23 2.99 -21.62
N ALA A 115 -8.88 1.94 -21.12
CA ALA A 115 -8.21 0.71 -20.68
C ALA A 115 -7.39 0.08 -21.83
N GLU A 116 -7.98 -0.03 -23.01
CA GLU A 116 -7.24 -0.59 -24.18
C GLU A 116 -5.99 0.24 -24.42
N TRP A 117 -6.12 1.56 -24.46
CA TRP A 117 -4.98 2.44 -24.70
C TRP A 117 -3.95 2.30 -23.55
N LEU A 118 -4.40 2.12 -22.32
CA LEU A 118 -3.45 2.17 -21.16
C LEU A 118 -2.62 0.87 -21.11
N TRP A 119 -3.22 -0.30 -21.33
CA TRP A 119 -2.46 -1.59 -21.37
C TRP A 119 -1.43 -1.56 -22.52
N LYS A 120 -1.78 -1.00 -23.68
CA LYS A 120 -0.76 -0.81 -24.75
C LYS A 120 0.36 0.09 -24.27
N GLU A 121 0.09 1.24 -23.64
CA GLU A 121 1.24 2.10 -23.25
C GLU A 121 2.08 1.37 -22.22
N LEU A 122 1.45 0.66 -21.27
CA LEU A 122 2.22 0.02 -20.17
C LEU A 122 3.07 -1.12 -20.78
N GLY A 123 2.59 -1.71 -21.88
CA GLY A 123 3.18 -2.88 -22.57
C GLY A 123 4.22 -2.47 -23.61
N LYS A 124 4.36 -1.21 -24.00
CA LYS A 124 5.35 -0.82 -25.04
C LYS A 124 6.78 -1.24 -24.68
N LYS A 125 7.21 -1.08 -23.44
CA LYS A 125 8.59 -1.37 -23.02
C LYS A 125 8.64 -2.56 -22.04
N LYS A 126 7.58 -3.36 -21.93
CA LYS A 126 7.58 -4.51 -21.00
C LYS A 126 7.04 -5.73 -21.73
N THR A 127 7.35 -6.95 -21.24
CA THR A 127 6.85 -8.23 -21.82
C THR A 127 6.18 -9.06 -20.73
N PRO A 128 4.86 -9.31 -20.79
CA PRO A 128 4.21 -10.16 -19.81
C PRO A 128 4.94 -11.53 -19.84
N ARG A 129 5.01 -12.17 -18.69
CA ARG A 129 5.70 -13.48 -18.52
C ARG A 129 5.21 -14.12 -17.22
N MET A 130 5.32 -15.46 -17.13
CA MET A 130 4.95 -16.23 -15.92
C MET A 130 6.02 -16.06 -14.86
N CYS A 131 5.61 -15.92 -13.62
CA CYS A 131 6.54 -15.98 -12.47
C CYS A 131 6.69 -17.47 -12.08
N THR A 132 7.76 -17.84 -11.38
CA THR A 132 8.16 -19.28 -11.31
C THR A 132 8.06 -19.78 -9.88
N ARG A 133 7.86 -21.10 -9.72
CA ARG A 133 7.99 -21.82 -8.42
C ARG A 133 9.28 -21.34 -7.75
N GLU A 134 10.34 -21.26 -8.55
CA GLU A 134 11.67 -20.81 -8.11
C GLU A 134 11.48 -19.45 -7.43
N GLU A 135 10.96 -18.43 -8.16
CA GLU A 135 10.77 -17.05 -7.62
C GLU A 135 9.82 -17.03 -6.41
N PHE A 136 8.73 -17.80 -6.48
CA PHE A 136 7.73 -17.91 -5.39
C PHE A 136 8.43 -18.44 -4.12
N THR A 137 9.22 -19.51 -4.28
CA THR A 137 9.99 -20.16 -3.18
C THR A 137 10.90 -19.13 -2.50
N ARG A 138 11.62 -18.32 -3.28
CA ARG A 138 12.57 -17.34 -2.72
C ARG A 138 11.80 -16.30 -1.88
N LYS A 139 10.64 -15.85 -2.37
CA LYS A 139 9.79 -14.83 -1.72
C LYS A 139 9.28 -15.36 -0.37
N VAL A 140 8.97 -16.66 -0.29
CA VAL A 140 8.46 -17.29 0.97
C VAL A 140 9.63 -17.45 1.97
N ARG A 141 10.85 -17.74 1.48
CA ARG A 141 12.04 -17.96 2.36
C ARG A 141 12.64 -16.62 2.78
N SER A 142 12.05 -15.49 2.37
CA SER A 142 12.44 -14.13 2.81
C SER A 142 11.28 -13.36 3.46
N ASN A 143 10.25 -14.09 3.91
CA ASN A 143 9.12 -13.59 4.76
C ASN A 143 8.46 -12.36 4.11
N ALA A 144 7.74 -12.57 3.00
CA ALA A 144 6.95 -11.53 2.30
C ALA A 144 5.45 -11.87 2.42
N ALA A 145 4.65 -10.94 2.96
CA ALA A 145 3.19 -11.07 3.14
C ALA A 145 2.54 -11.51 1.83
N LEU A 146 2.04 -12.75 1.78
CA LEU A 146 1.35 -13.35 0.60
C LEU A 146 -0.09 -13.69 0.93
N GLY A 147 -0.59 -13.26 2.10
CA GLY A 147 -1.97 -13.56 2.57
C GLY A 147 -2.31 -15.04 2.52
N ALA A 148 -1.48 -15.92 3.12
CA ALA A 148 -1.67 -17.39 3.15
C ALA A 148 -2.43 -17.80 4.43
N ILE A 149 -2.83 -19.07 4.51
CA ILE A 149 -3.62 -19.67 5.63
C ILE A 149 -2.98 -21.01 6.02
N TRP A 156 1.10 -28.98 6.61
CA TRP A 156 2.28 -28.08 6.75
C TRP A 156 1.93 -26.92 7.68
N LYS A 157 2.88 -26.51 8.52
CA LYS A 157 2.73 -25.40 9.51
C LYS A 157 2.81 -24.06 8.76
N SER A 158 4.02 -23.53 8.60
CA SER A 158 4.32 -22.24 7.94
C SER A 158 4.34 -22.42 6.42
N ALA A 159 4.43 -21.32 5.68
CA ALA A 159 4.59 -21.28 4.21
C ALA A 159 5.90 -21.99 3.83
N ARG A 160 6.94 -21.78 4.63
CA ARG A 160 8.31 -22.31 4.37
C ARG A 160 8.28 -23.82 4.18
N GLU A 161 7.49 -24.56 4.98
CA GLU A 161 7.53 -26.04 5.02
C GLU A 161 6.65 -26.63 3.90
N ALA A 162 5.65 -25.90 3.42
CA ALA A 162 4.75 -26.32 2.32
C ALA A 162 5.51 -26.29 0.99
N VAL A 163 6.47 -25.37 0.87
CA VAL A 163 7.19 -25.03 -0.38
C VAL A 163 8.33 -26.02 -0.63
N GLU A 164 8.82 -26.67 0.43
CA GLU A 164 9.99 -27.59 0.38
C GLU A 164 9.51 -29.04 0.28
N ASP A 165 8.19 -29.25 0.34
CA ASP A 165 7.54 -30.58 0.15
C ASP A 165 6.94 -30.65 -1.26
N SER A 166 6.91 -31.83 -1.88
CA SER A 166 6.51 -31.93 -3.30
C SER A 166 5.02 -32.24 -3.50
N GLY A 167 4.36 -32.86 -2.52
CA GLY A 167 2.92 -33.15 -2.64
C GLY A 167 2.15 -31.87 -2.86
N PHE A 168 2.51 -30.82 -2.13
CA PHE A 168 1.89 -29.49 -2.33
C PHE A 168 1.93 -29.16 -3.81
N TRP A 169 3.12 -29.23 -4.40
CA TRP A 169 3.26 -28.83 -5.82
C TRP A 169 2.39 -29.74 -6.70
N GLU A 170 2.07 -30.96 -6.22
CA GLU A 170 1.16 -31.85 -6.98
C GLU A 170 -0.25 -31.33 -6.81
N LEU A 171 -0.55 -30.76 -5.64
CA LEU A 171 -1.87 -30.12 -5.43
C LEU A 171 -1.95 -28.92 -6.37
N VAL A 172 -0.87 -28.14 -6.44
CA VAL A 172 -0.81 -26.97 -7.36
C VAL A 172 -1.04 -27.46 -8.78
N ASP A 173 -0.35 -28.53 -9.16
CA ASP A 173 -0.45 -29.06 -10.54
C ASP A 173 -1.90 -29.47 -10.83
N LYS A 174 -2.57 -30.11 -9.89
CA LYS A 174 -3.94 -30.59 -10.18
C LYS A 174 -4.83 -29.38 -10.43
N GLU A 175 -4.73 -28.39 -9.55
CA GLU A 175 -5.55 -27.16 -9.73
C GLU A 175 -5.11 -26.45 -11.01
N ARG A 176 -3.79 -26.35 -11.23
CA ARG A 176 -3.21 -25.72 -12.45
C ARG A 176 -3.85 -26.34 -13.69
N ASN A 177 -3.93 -27.68 -13.75
CA ASN A 177 -4.51 -28.43 -14.90
C ASN A 177 -6.02 -28.16 -14.99
N LEU A 178 -6.69 -28.02 -13.85
CA LEU A 178 -8.15 -27.69 -13.77
C LEU A 178 -8.40 -26.30 -14.38
N HIS A 179 -7.54 -25.32 -14.08
CA HIS A 179 -7.60 -23.95 -14.67
C HIS A 179 -7.42 -23.99 -16.20
N LEU A 180 -6.43 -24.73 -16.73
CA LEU A 180 -6.20 -24.90 -18.21
C LEU A 180 -7.47 -25.50 -18.84
N GLU A 181 -8.19 -26.32 -18.08
CA GLU A 181 -9.50 -26.92 -18.44
C GLU A 181 -10.64 -25.91 -18.22
N GLY A 182 -10.39 -24.75 -17.61
CA GLY A 182 -11.38 -23.67 -17.43
C GLY A 182 -12.31 -23.88 -16.23
N LYS A 183 -11.86 -24.60 -15.20
CA LYS A 183 -12.64 -24.97 -13.99
C LYS A 183 -11.77 -24.73 -12.74
N CYS A 184 -12.35 -24.73 -11.54
CA CYS A 184 -11.65 -24.40 -10.26
C CYS A 184 -12.20 -25.28 -9.11
N GLU A 185 -11.35 -25.70 -8.18
CA GLU A 185 -11.78 -26.55 -7.03
C GLU A 185 -11.39 -25.94 -5.68
N THR A 186 -10.20 -25.35 -5.56
CA THR A 186 -9.59 -25.03 -4.25
C THR A 186 -9.33 -23.52 -4.07
N CYS A 187 -9.56 -22.67 -5.08
CA CYS A 187 -9.30 -21.19 -5.01
C CYS A 187 -10.49 -20.48 -4.31
N VAL A 188 -10.50 -20.52 -2.97
CA VAL A 188 -11.58 -19.98 -2.10
C VAL A 188 -11.02 -18.92 -1.13
N TYR A 189 -11.71 -17.79 -1.01
CA TYR A 189 -11.29 -16.68 -0.13
C TYR A 189 -11.74 -16.96 1.32
N ASN A 190 -10.94 -16.48 2.28
CA ASN A 190 -11.23 -16.52 3.74
C ASN A 190 -11.25 -15.07 4.27
N MET A 191 -12.45 -14.50 4.45
CA MET A 191 -12.64 -13.12 4.98
C MET A 191 -12.09 -13.06 6.41
N MET A 192 -11.38 -11.99 6.76
CA MET A 192 -10.63 -11.85 8.05
C MET A 192 -10.01 -10.46 8.14
N ALA A 210 -11.00 -5.07 5.52
CA ALA A 210 -11.49 -6.40 5.07
C ALA A 210 -10.45 -7.05 4.15
N ILE A 211 -9.69 -8.02 4.67
CA ILE A 211 -8.62 -8.75 3.94
C ILE A 211 -9.05 -10.20 3.71
N TRP A 212 -8.69 -10.77 2.55
CA TRP A 212 -9.11 -12.12 2.10
C TRP A 212 -7.87 -13.00 1.88
N TYR A 213 -7.54 -13.87 2.84
CA TYR A 213 -6.49 -14.90 2.74
C TYR A 213 -6.95 -16.02 1.80
N MET A 214 -6.02 -16.87 1.34
CA MET A 214 -6.26 -18.02 0.43
C MET A 214 -5.27 -19.14 0.78
N TRP A 215 -5.51 -20.36 0.31
CA TRP A 215 -4.51 -21.47 0.40
C TRP A 215 -3.34 -21.15 -0.55
N LEU A 216 -2.11 -21.32 -0.08
CA LEU A 216 -0.87 -20.90 -0.79
C LEU A 216 -0.97 -21.32 -2.27
N GLY A 217 -1.54 -22.50 -2.52
CA GLY A 217 -1.72 -23.05 -3.88
C GLY A 217 -2.44 -22.08 -4.80
N ALA A 218 -3.49 -21.43 -4.30
CA ALA A 218 -4.25 -20.37 -5.00
C ALA A 218 -3.38 -19.14 -5.18
N ARG A 219 -2.62 -18.76 -4.14
CA ARG A 219 -1.69 -17.60 -4.14
C ARG A 219 -0.59 -17.80 -5.18
N PHE A 220 -0.01 -19.01 -5.22
CA PHE A 220 1.04 -19.36 -6.20
C PHE A 220 0.51 -19.14 -7.61
N LEU A 221 -0.61 -19.77 -7.92
CA LEU A 221 -1.28 -19.69 -9.23
C LEU A 221 -1.61 -18.23 -9.57
N GLU A 222 -2.04 -17.44 -8.58
CA GLU A 222 -2.26 -16.00 -8.84
C GLU A 222 -0.89 -15.37 -9.20
N PHE A 223 0.19 -15.68 -8.47
CA PHE A 223 1.53 -15.06 -8.62
C PHE A 223 2.17 -15.51 -9.94
N GLU A 224 1.94 -16.76 -10.32
CA GLU A 224 2.47 -17.31 -11.59
C GLU A 224 1.90 -16.50 -12.76
N ALA A 225 0.63 -16.13 -12.68
CA ALA A 225 -0.08 -15.55 -13.84
C ALA A 225 0.06 -14.02 -13.87
N LEU A 226 0.17 -13.35 -12.72
CA LEU A 226 -0.04 -11.87 -12.63
C LEU A 226 1.06 -11.19 -11.81
N GLY A 227 2.00 -11.97 -11.27
CA GLY A 227 3.12 -11.45 -10.46
C GLY A 227 4.01 -10.54 -11.26
N PHE A 228 4.06 -10.76 -12.57
CA PHE A 228 4.90 -9.94 -13.47
C PHE A 228 4.57 -8.45 -13.27
N LEU A 229 3.32 -8.09 -12.98
CA LEU A 229 2.93 -6.65 -12.88
C LEU A 229 3.78 -5.96 -11.81
N ASN A 230 3.97 -6.62 -10.69
CA ASN A 230 4.85 -6.11 -9.60
C ASN A 230 6.31 -6.52 -9.81
N GLU A 231 6.60 -7.78 -10.14
CA GLU A 231 8.01 -8.25 -10.22
C GLU A 231 8.79 -7.46 -11.27
N ASP A 232 8.14 -7.04 -12.37
CA ASP A 232 8.77 -6.35 -13.51
C ASP A 232 8.34 -4.86 -13.57
N HIS A 233 7.75 -4.36 -12.49
CA HIS A 233 7.65 -2.89 -12.22
C HIS A 233 6.84 -2.20 -13.33
N TRP A 234 5.69 -2.75 -13.67
CA TRP A 234 4.77 -2.16 -14.69
C TRP A 234 4.26 -0.77 -14.23
N PHE A 235 4.17 -0.55 -12.93
CA PHE A 235 3.69 0.73 -12.33
C PHE A 235 4.80 1.61 -11.76
N SER A 236 6.06 1.36 -12.13
CA SER A 236 7.18 2.32 -11.97
C SER A 236 6.78 3.67 -12.58
N ARG A 237 7.35 4.78 -12.12
CA ARG A 237 7.03 6.09 -12.77
C ARG A 237 7.58 6.11 -14.21
N GLU A 238 8.77 5.54 -14.42
CA GLU A 238 9.39 5.51 -15.77
C GLU A 238 8.45 4.81 -16.75
N ASN A 239 7.80 3.73 -16.34
CA ASN A 239 6.98 2.94 -17.29
C ASN A 239 5.53 3.43 -17.37
N SER A 240 4.93 3.87 -16.26
CA SER A 240 3.48 4.24 -16.22
C SER A 240 3.24 5.76 -16.20
N LEU A 241 4.27 6.56 -15.87
CA LEU A 241 4.20 8.05 -15.85
C LEU A 241 3.41 8.59 -14.63
N SER A 242 2.31 7.94 -14.25
CA SER A 242 1.47 8.37 -13.10
C SER A 242 1.85 7.57 -11.85
N GLY A 243 2.37 6.35 -12.03
CA GLY A 243 2.68 5.44 -10.92
C GLY A 243 3.89 5.88 -10.12
N VAL A 244 4.05 5.27 -8.96
CA VAL A 244 5.15 5.50 -8.02
C VAL A 244 5.65 4.14 -7.49
N GLU A 245 5.37 3.02 -8.16
CA GLU A 245 5.74 1.68 -7.61
C GLU A 245 7.26 1.59 -7.47
N GLY A 246 7.75 1.21 -6.31
CA GLY A 246 9.21 1.13 -6.04
C GLY A 246 9.90 2.46 -5.75
N GLU A 247 9.14 3.55 -5.67
CA GLU A 247 9.72 4.92 -5.60
C GLU A 247 10.44 5.07 -4.27
N GLY A 248 9.71 4.88 -3.17
CA GLY A 248 10.25 5.16 -1.81
C GLY A 248 9.79 6.53 -1.26
N LEU A 249 9.69 6.63 0.06
N LEU A 249 9.59 6.62 0.06
CA LEU A 249 9.03 7.76 0.74
CA LEU A 249 9.03 7.82 0.74
C LEU A 249 9.90 9.02 0.65
C LEU A 249 9.87 9.03 0.38
N HIS A 250 11.19 8.85 0.35
CA HIS A 250 12.19 9.94 0.12
C HIS A 250 12.17 10.43 -1.33
N LYS A 251 11.29 9.87 -2.16
CA LYS A 251 11.13 10.33 -3.57
C LYS A 251 9.76 11.00 -3.76
N LEU A 252 8.76 10.62 -2.96
CA LEU A 252 7.36 11.02 -3.24
C LEU A 252 7.20 12.54 -3.19
N GLY A 253 7.91 13.22 -2.29
CA GLY A 253 7.76 14.67 -2.19
C GLY A 253 8.39 15.35 -3.39
N TYR A 254 9.54 14.83 -3.84
CA TYR A 254 10.18 15.36 -5.05
C TYR A 254 9.23 15.15 -6.26
N ILE A 255 8.59 14.01 -6.33
CA ILE A 255 7.63 13.72 -7.41
C ILE A 255 6.47 14.74 -7.38
N LEU A 256 5.85 14.99 -6.22
CA LEU A 256 4.75 15.96 -6.13
C LEU A 256 5.22 17.36 -6.53
N ARG A 257 6.45 17.77 -6.15
CA ARG A 257 6.98 19.12 -6.50
C ARG A 257 7.15 19.15 -8.02
N ASP A 258 7.51 18.04 -8.65
CA ASP A 258 7.68 18.03 -10.14
C ASP A 258 6.27 18.20 -10.80
N VAL A 259 5.26 17.52 -10.33
CA VAL A 259 3.87 17.73 -10.83
C VAL A 259 3.47 19.21 -10.61
N SER A 260 3.80 19.81 -9.48
CA SER A 260 3.43 21.21 -9.18
C SER A 260 4.01 22.16 -10.23
N LYS A 261 5.08 21.79 -10.91
CA LYS A 261 5.79 22.68 -11.86
C LYS A 261 5.05 22.81 -13.19
N LYS A 262 4.14 21.88 -13.49
CA LYS A 262 3.32 21.93 -14.71
C LYS A 262 2.40 23.15 -14.63
N GLU A 263 2.16 23.80 -15.76
CA GLU A 263 1.08 24.82 -15.83
C GLU A 263 -0.23 24.09 -15.55
N GLY A 264 -1.10 24.68 -14.75
CA GLY A 264 -2.49 24.19 -14.71
C GLY A 264 -3.20 24.69 -13.50
N GLY A 265 -4.19 23.93 -13.03
CA GLY A 265 -5.05 24.36 -11.92
C GLY A 265 -4.52 23.94 -10.56
N ALA A 266 -5.39 23.88 -9.57
CA ALA A 266 -5.10 23.38 -8.22
C ALA A 266 -4.64 21.91 -8.30
N MET A 267 -4.03 21.41 -7.22
CA MET A 267 -3.74 19.96 -7.05
C MET A 267 -4.94 19.33 -6.33
N TYR A 268 -5.56 18.33 -6.94
CA TYR A 268 -6.72 17.62 -6.37
C TYR A 268 -6.22 16.31 -5.79
N ALA A 269 -6.75 15.96 -4.64
CA ALA A 269 -6.36 14.70 -3.98
C ALA A 269 -7.59 14.14 -3.33
N ASP A 270 -8.56 13.74 -4.14
CA ASP A 270 -9.83 13.26 -3.57
C ASP A 270 -9.68 11.79 -3.21
N ASP A 271 -10.08 11.40 -2.01
CA ASP A 271 -10.12 9.98 -1.57
C ASP A 271 -11.46 9.38 -2.01
N THR A 272 -11.44 8.13 -2.46
CA THR A 272 -12.66 7.32 -2.70
C THR A 272 -13.14 6.74 -1.38
N ALA A 273 -14.44 6.75 -1.16
CA ALA A 273 -15.09 5.99 -0.06
C ALA A 273 -15.11 4.49 -0.41
N GLY A 274 -14.29 3.69 0.26
CA GLY A 274 -14.24 2.22 0.14
C GLY A 274 -13.92 1.76 -1.27
N TRP A 275 -12.75 2.14 -1.79
CA TRP A 275 -12.37 1.84 -3.20
C TRP A 275 -12.61 0.37 -3.58
N ASP A 276 -12.16 -0.59 -2.77
CA ASP A 276 -12.22 -2.06 -3.10
C ASP A 276 -13.68 -2.49 -3.29
N THR A 277 -14.60 -1.86 -2.56
CA THR A 277 -16.05 -2.19 -2.66
C THR A 277 -16.73 -1.56 -3.89
N ARG A 278 -16.08 -0.59 -4.55
CA ARG A 278 -16.64 0.17 -5.70
C ARG A 278 -16.09 -0.36 -7.04
N ILE A 279 -15.30 -1.43 -7.02
CA ILE A 279 -14.76 -2.06 -8.27
C ILE A 279 -15.93 -2.81 -8.94
N THR A 280 -16.34 -2.41 -10.12
CA THR A 280 -17.51 -2.98 -10.82
C THR A 280 -17.07 -4.19 -11.63
N LEU A 281 -18.03 -4.96 -12.14
CA LEU A 281 -17.68 -6.07 -13.07
C LEU A 281 -17.11 -5.43 -14.35
N GLU A 282 -17.50 -4.21 -14.71
CA GLU A 282 -16.91 -3.58 -15.94
C GLU A 282 -15.43 -3.27 -15.71
N ASP A 283 -15.09 -2.79 -14.51
CA ASP A 283 -13.68 -2.61 -14.07
C ASP A 283 -12.90 -3.94 -14.20
N LEU A 284 -13.39 -5.05 -13.66
CA LEU A 284 -12.71 -6.37 -13.72
C LEU A 284 -12.47 -6.85 -15.17
N LYS A 285 -13.41 -6.55 -16.08
CA LYS A 285 -13.33 -6.89 -17.53
C LYS A 285 -12.23 -6.03 -18.18
N ASN A 286 -12.20 -4.73 -17.90
CA ASN A 286 -11.15 -3.84 -18.47
C ASN A 286 -9.77 -4.26 -17.95
N GLU A 287 -9.67 -4.65 -16.69
CA GLU A 287 -8.40 -5.18 -16.11
C GLU A 287 -7.95 -6.50 -16.82
N GLU A 288 -8.90 -7.39 -17.12
N GLU A 288 -8.92 -7.38 -17.12
CA GLU A 288 -8.60 -8.70 -17.77
CA GLU A 288 -8.70 -8.69 -17.79
C GLU A 288 -7.97 -8.49 -19.15
C GLU A 288 -8.03 -8.50 -19.15
N MET A 289 -8.19 -7.34 -19.78
CA MET A 289 -7.60 -7.06 -21.13
C MET A 289 -6.07 -7.09 -21.11
N VAL A 290 -5.41 -7.10 -19.94
CA VAL A 290 -3.93 -7.33 -19.97
C VAL A 290 -3.63 -8.69 -20.67
N THR A 291 -4.50 -9.68 -20.56
CA THR A 291 -4.34 -11.04 -21.21
C THR A 291 -4.29 -10.95 -22.75
N ASN A 292 -4.85 -9.90 -23.34
CA ASN A 292 -4.72 -9.62 -24.80
C ASN A 292 -3.26 -9.48 -25.21
N HIS A 293 -2.34 -9.28 -24.26
CA HIS A 293 -0.90 -9.00 -24.51
C HIS A 293 -0.06 -10.25 -24.25
N MET A 294 -0.72 -11.35 -23.88
CA MET A 294 -0.06 -12.60 -23.44
C MET A 294 -0.14 -13.65 -24.56
N GLU A 295 0.51 -14.79 -24.38
CA GLU A 295 0.44 -15.90 -25.36
C GLU A 295 0.65 -17.23 -24.65
N GLY A 296 0.30 -18.32 -25.34
CA GLY A 296 0.59 -19.70 -24.91
C GLY A 296 -0.16 -20.04 -23.64
N GLU A 297 0.50 -20.83 -22.78
CA GLU A 297 0.06 -21.24 -21.42
C GLU A 297 -0.34 -19.98 -20.63
N HIS A 298 0.59 -19.03 -20.49
CA HIS A 298 0.42 -17.78 -19.69
C HIS A 298 -0.95 -17.17 -19.97
N LYS A 299 -1.31 -16.95 -21.24
CA LYS A 299 -2.59 -16.33 -21.62
C LYS A 299 -3.74 -17.11 -20.98
N LYS A 300 -3.67 -18.45 -20.99
CA LYS A 300 -4.79 -19.31 -20.50
C LYS A 300 -4.81 -19.28 -18.98
N LEU A 301 -3.64 -19.41 -18.36
CA LEU A 301 -3.50 -19.36 -16.89
C LEU A 301 -4.02 -18.01 -16.34
N ALA A 302 -3.72 -16.88 -17.00
CA ALA A 302 -4.11 -15.51 -16.57
C ALA A 302 -5.62 -15.37 -16.75
N GLU A 303 -6.15 -15.80 -17.90
CA GLU A 303 -7.61 -15.75 -18.23
C GLU A 303 -8.43 -16.49 -17.17
N ALA A 304 -7.88 -17.56 -16.59
CA ALA A 304 -8.58 -18.38 -15.59
C ALA A 304 -8.55 -17.68 -14.22
N ILE A 305 -7.40 -17.10 -13.83
CA ILE A 305 -7.37 -16.27 -12.60
C ILE A 305 -8.51 -15.24 -12.70
N PHE A 306 -8.58 -14.46 -13.79
CA PHE A 306 -9.58 -13.36 -13.93
C PHE A 306 -11.00 -13.94 -13.95
N LYS A 307 -11.28 -14.98 -14.75
CA LYS A 307 -12.64 -15.59 -14.88
C LYS A 307 -13.06 -16.30 -13.60
N LEU A 308 -12.20 -17.14 -13.02
CA LEU A 308 -12.64 -18.12 -12.01
C LEU A 308 -12.50 -17.58 -10.59
N THR A 309 -11.51 -16.73 -10.31
CA THR A 309 -11.24 -16.24 -8.94
C THR A 309 -11.56 -14.74 -8.78
N TYR A 310 -11.49 -13.90 -9.80
CA TYR A 310 -11.70 -12.43 -9.64
C TYR A 310 -13.15 -12.09 -10.01
N GLN A 311 -13.63 -12.52 -11.18
CA GLN A 311 -14.98 -12.22 -11.71
C GLN A 311 -16.05 -13.19 -11.17
N ASN A 312 -15.71 -14.14 -10.30
CA ASN A 312 -16.67 -15.14 -9.72
C ASN A 312 -16.09 -15.78 -8.45
N LYS A 313 -16.17 -15.11 -7.29
CA LYS A 313 -15.43 -15.49 -6.05
C LYS A 313 -16.29 -16.38 -5.15
N VAL A 314 -15.63 -17.12 -4.25
CA VAL A 314 -16.24 -17.97 -3.21
C VAL A 314 -15.51 -17.60 -1.94
N VAL A 315 -16.23 -17.30 -0.88
CA VAL A 315 -15.61 -16.73 0.36
C VAL A 315 -16.18 -17.44 1.57
N ARG A 316 -15.37 -17.56 2.62
CA ARG A 316 -15.80 -18.16 3.89
C ARG A 316 -15.61 -17.11 5.01
N VAL A 317 -16.69 -16.79 5.72
CA VAL A 317 -16.74 -15.70 6.75
C VAL A 317 -17.28 -16.29 8.05
N GLN A 318 -16.60 -16.02 9.18
CA GLN A 318 -17.00 -16.47 10.54
C GLN A 318 -18.07 -15.51 11.10
N ARG A 319 -19.21 -16.07 11.50
CA ARG A 319 -20.34 -15.35 12.14
C ARG A 319 -20.47 -15.85 13.58
N PRO A 320 -20.63 -14.95 14.60
CA PRO A 320 -20.77 -15.40 16.00
C PRO A 320 -22.02 -16.21 16.40
N THR A 321 -23.15 -15.99 15.71
CA THR A 321 -24.47 -16.63 15.99
C THR A 321 -24.31 -18.15 16.08
N THR A 325 -20.16 -20.25 16.93
CA THR A 325 -19.68 -19.58 15.68
C THR A 325 -19.82 -20.56 14.51
N VAL A 326 -20.46 -20.13 13.42
CA VAL A 326 -20.65 -20.93 12.17
C VAL A 326 -19.74 -20.36 11.07
N MET A 327 -19.63 -21.08 9.96
CA MET A 327 -18.89 -20.65 8.74
C MET A 327 -19.91 -20.39 7.62
N ASP A 328 -19.92 -19.16 7.08
CA ASP A 328 -20.89 -18.70 6.05
C ASP A 328 -20.18 -18.72 4.68
N ILE A 329 -20.68 -19.53 3.74
CA ILE A 329 -20.09 -19.73 2.39
C ILE A 329 -20.90 -18.89 1.39
N ILE A 330 -20.33 -17.76 0.96
CA ILE A 330 -21.02 -16.73 0.14
C ILE A 330 -20.22 -16.52 -1.13
N SER A 331 -20.83 -15.89 -2.12
CA SER A 331 -20.22 -15.64 -3.45
C SER A 331 -20.72 -14.32 -4.03
N ARG A 332 -19.84 -13.63 -4.77
CA ARG A 332 -20.17 -12.38 -5.50
C ARG A 332 -19.16 -12.25 -6.63
N ARG A 333 -19.55 -11.58 -7.71
CA ARG A 333 -18.78 -11.50 -8.97
C ARG A 333 -17.93 -10.21 -8.97
N ASP A 334 -18.42 -9.17 -8.30
CA ASP A 334 -17.85 -7.79 -8.34
C ASP A 334 -17.00 -7.55 -7.10
N GLN A 335 -16.46 -6.32 -6.97
CA GLN A 335 -15.58 -5.90 -5.84
C GLN A 335 -14.18 -6.46 -6.03
N ARG A 336 -13.22 -5.85 -5.35
CA ARG A 336 -11.81 -6.31 -5.33
C ARG A 336 -11.64 -7.29 -4.17
N GLY A 337 -11.09 -8.44 -4.54
CA GLY A 337 -10.71 -9.58 -3.68
C GLY A 337 -9.64 -10.37 -4.39
N SER A 338 -8.40 -10.26 -3.91
CA SER A 338 -7.17 -10.76 -4.57
C SER A 338 -6.00 -10.52 -3.62
N GLY A 339 -4.85 -11.15 -3.89
CA GLY A 339 -3.61 -10.88 -3.14
C GLY A 339 -3.35 -9.38 -3.06
N GLN A 340 -2.82 -8.90 -1.94
CA GLN A 340 -2.61 -7.45 -1.69
C GLN A 340 -1.70 -6.86 -2.78
N VAL A 341 -0.76 -7.65 -3.32
CA VAL A 341 0.21 -7.12 -4.34
C VAL A 341 -0.48 -6.99 -5.70
N VAL A 342 -1.20 -8.02 -6.17
CA VAL A 342 -2.01 -7.83 -7.41
C VAL A 342 -3.07 -6.74 -7.18
N THR A 343 -3.72 -6.71 -6.02
CA THR A 343 -4.70 -5.63 -5.72
C THR A 343 -4.07 -4.24 -5.94
N TYR A 344 -2.82 -4.02 -5.51
CA TYR A 344 -2.13 -2.72 -5.62
C TYR A 344 -2.04 -2.37 -7.09
N GLY A 345 -1.57 -3.29 -7.95
CA GLY A 345 -1.30 -2.94 -9.36
C GLY A 345 -2.59 -2.69 -10.13
N LEU A 346 -3.61 -3.49 -9.89
CA LEU A 346 -4.86 -3.31 -10.63
C LEU A 346 -5.62 -2.08 -10.09
N ASN A 347 -5.61 -1.82 -8.77
CA ASN A 347 -6.08 -0.52 -8.20
C ASN A 347 -5.37 0.63 -8.90
N THR A 348 -4.04 0.61 -9.01
CA THR A 348 -3.31 1.69 -9.73
C THR A 348 -3.85 1.85 -11.15
N PHE A 349 -4.00 0.74 -11.87
CA PHE A 349 -4.40 0.74 -13.29
C PHE A 349 -5.77 1.44 -13.43
N THR A 350 -6.72 1.01 -12.61
CA THR A 350 -8.14 1.41 -12.76
C THR A 350 -8.27 2.86 -12.27
N ASN A 351 -7.45 3.26 -11.29
CA ASN A 351 -7.40 4.65 -10.78
C ASN A 351 -6.81 5.53 -11.86
N MET A 352 -5.75 5.07 -12.54
CA MET A 352 -5.16 5.89 -13.61
C MET A 352 -6.24 6.10 -14.69
N GLU A 353 -6.97 5.04 -14.99
CA GLU A 353 -8.03 5.07 -16.03
C GLU A 353 -9.12 6.10 -15.64
N ALA A 354 -9.68 5.96 -14.46
CA ALA A 354 -10.73 6.83 -13.92
C ALA A 354 -10.27 8.28 -13.96
N GLN A 355 -9.04 8.57 -13.52
CA GLN A 355 -8.57 9.96 -13.46
C GLN A 355 -8.32 10.53 -14.86
N LEU A 356 -7.87 9.75 -15.84
CA LEU A 356 -7.73 10.32 -17.22
C LEU A 356 -9.15 10.66 -17.77
N ILE A 357 -10.14 9.86 -17.47
CA ILE A 357 -11.56 10.11 -17.89
C ILE A 357 -12.07 11.36 -17.16
N ARG A 358 -11.77 11.55 -15.86
CA ARG A 358 -12.19 12.79 -15.18
C ARG A 358 -11.49 13.97 -15.82
N GLN A 359 -10.21 13.83 -16.17
CA GLN A 359 -9.51 14.88 -16.94
C GLN A 359 -10.24 15.10 -18.29
N MET A 360 -10.58 14.07 -19.04
CA MET A 360 -11.29 14.26 -20.35
C MET A 360 -12.60 15.04 -20.11
N GLU A 361 -13.37 14.68 -19.10
CA GLU A 361 -14.61 15.37 -18.77
C GLU A 361 -14.33 16.86 -18.54
N GLY A 362 -13.30 17.23 -17.79
CA GLY A 362 -13.08 18.64 -17.47
C GLY A 362 -12.68 19.42 -18.73
N GLU A 363 -12.00 18.77 -19.67
CA GLU A 363 -11.48 19.41 -20.89
C GLU A 363 -12.58 19.41 -21.99
N GLY A 364 -13.75 18.90 -21.73
CA GLY A 364 -14.85 18.90 -22.72
C GLY A 364 -14.62 17.92 -23.87
N VAL A 365 -13.87 16.83 -23.69
CA VAL A 365 -13.56 15.87 -24.80
C VAL A 365 -14.87 15.19 -25.21
N PHE A 366 -15.76 14.90 -24.26
CA PHE A 366 -17.09 14.28 -24.46
C PHE A 366 -18.14 15.12 -23.73
N LYS A 367 -19.40 15.09 -24.16
CA LYS A 367 -20.44 16.03 -23.67
C LYS A 367 -21.29 15.34 -22.62
N SER A 368 -21.47 14.04 -22.70
CA SER A 368 -22.40 13.29 -21.81
C SER A 368 -22.05 11.81 -21.71
N ILE A 369 -22.30 11.23 -20.54
CA ILE A 369 -21.94 9.82 -20.17
C ILE A 369 -23.04 8.88 -20.64
N GLN A 370 -24.19 9.43 -21.05
CA GLN A 370 -25.38 8.64 -21.49
C GLN A 370 -24.98 7.82 -22.73
N HIS A 371 -24.25 8.43 -23.66
CA HIS A 371 -23.95 7.85 -24.99
C HIS A 371 -22.81 8.63 -25.65
N LEU A 372 -21.85 7.90 -26.23
CA LEU A 372 -20.66 8.46 -26.93
C LEU A 372 -20.87 8.36 -28.45
N THR A 373 -21.19 9.48 -29.09
CA THR A 373 -21.32 9.58 -30.57
C THR A 373 -20.05 8.98 -31.20
N VAL A 374 -20.12 8.57 -32.46
CA VAL A 374 -19.01 7.88 -33.17
C VAL A 374 -17.83 8.85 -33.29
N THR A 375 -18.12 10.15 -33.41
CA THR A 375 -17.12 11.24 -33.57
C THR A 375 -16.50 11.56 -32.20
N GLU A 376 -17.23 11.32 -31.11
CA GLU A 376 -16.72 11.49 -29.72
C GLU A 376 -15.72 10.35 -29.49
N GLU A 377 -16.06 9.12 -29.87
CA GLU A 377 -15.15 7.94 -29.76
C GLU A 377 -13.80 8.27 -30.40
N ILE A 378 -13.82 8.84 -31.61
CA ILE A 378 -12.60 9.20 -32.38
C ILE A 378 -11.87 10.34 -31.66
N ALA A 379 -12.60 11.28 -31.06
CA ALA A 379 -12.03 12.43 -30.32
C ALA A 379 -11.30 11.95 -29.04
N VAL A 380 -11.93 11.06 -28.27
CA VAL A 380 -11.39 10.40 -27.05
C VAL A 380 -10.13 9.64 -27.46
N LYS A 381 -10.16 8.86 -28.54
CA LYS A 381 -8.95 8.08 -28.88
C LYS A 381 -7.86 9.03 -29.34
N ASN A 382 -8.23 10.13 -29.99
CA ASN A 382 -7.25 11.10 -30.54
C ASN A 382 -6.63 11.94 -29.42
N TRP A 383 -7.41 12.27 -28.39
CA TRP A 383 -6.89 12.96 -27.16
C TRP A 383 -5.78 12.07 -26.51
N LEU A 384 -6.10 10.80 -26.30
CA LEU A 384 -5.20 9.78 -25.72
C LEU A 384 -3.88 9.77 -26.49
N VAL A 385 -3.93 9.59 -27.81
CA VAL A 385 -2.71 9.51 -28.67
C VAL A 385 -1.97 10.83 -28.61
N ARG A 386 -2.68 11.95 -28.69
CA ARG A 386 -2.08 13.31 -28.78
C ARG A 386 -1.52 13.74 -27.41
N VAL A 387 -2.30 13.59 -26.32
CA VAL A 387 -1.89 14.18 -25.00
C VAL A 387 -1.91 13.18 -23.82
N GLY A 388 -2.28 11.91 -24.04
CA GLY A 388 -2.46 10.88 -22.98
C GLY A 388 -1.25 10.80 -22.07
N ARG A 389 -0.06 10.72 -22.64
CA ARG A 389 1.19 10.57 -21.85
C ARG A 389 1.42 11.86 -21.05
N GLU A 390 1.19 13.04 -21.62
CA GLU A 390 1.33 14.32 -20.85
C GLU A 390 0.34 14.31 -19.67
N ARG A 391 -0.88 13.80 -19.87
CA ARG A 391 -1.95 13.85 -18.83
C ARG A 391 -1.60 12.84 -17.71
N LEU A 392 -0.95 11.72 -18.06
CA LEU A 392 -0.52 10.72 -17.05
C LEU A 392 0.54 11.36 -16.13
N SER A 393 1.41 12.18 -16.73
CA SER A 393 2.55 12.86 -16.06
C SER A 393 2.02 13.87 -15.03
N ARG A 394 0.76 14.30 -15.15
CA ARG A 394 0.13 15.30 -14.24
C ARG A 394 -0.43 14.59 -13.01
N MET A 395 -0.16 13.30 -12.83
CA MET A 395 -0.69 12.52 -11.71
C MET A 395 0.40 11.74 -10.96
N ALA A 396 0.12 11.50 -9.68
CA ALA A 396 0.81 10.56 -8.83
C ALA A 396 -0.24 9.65 -8.20
N ILE A 397 -0.18 8.38 -8.54
CA ILE A 397 -1.18 7.37 -8.20
C ILE A 397 -0.50 6.15 -7.57
N SER A 398 -0.98 5.82 -6.39
CA SER A 398 -0.53 4.71 -5.54
C SER A 398 -1.76 3.91 -5.16
N GLY A 399 -2.13 2.94 -6.00
CA GLY A 399 -3.39 2.22 -5.74
C GLY A 399 -4.58 3.16 -5.74
N ASP A 400 -5.39 3.15 -4.68
CA ASP A 400 -6.61 4.01 -4.64
C ASP A 400 -6.26 5.45 -4.28
N ASP A 401 -5.00 5.75 -4.09
CA ASP A 401 -4.58 7.12 -3.63
C ASP A 401 -4.13 7.90 -4.86
N CYS A 402 -4.66 9.11 -5.10
CA CYS A 402 -4.18 9.95 -6.22
C CYS A 402 -3.97 11.41 -5.82
N VAL A 403 -3.09 12.02 -6.58
CA VAL A 403 -2.94 13.48 -6.71
C VAL A 403 -2.92 13.79 -8.21
N VAL A 404 -3.73 14.76 -8.61
CA VAL A 404 -3.91 15.19 -10.02
C VAL A 404 -3.72 16.70 -10.12
N LYS A 405 -2.87 17.16 -11.02
CA LYS A 405 -2.80 18.60 -11.40
C LYS A 405 -3.34 18.75 -12.82
N PRO A 406 -4.66 18.94 -12.98
CA PRO A 406 -5.28 19.04 -14.30
C PRO A 406 -4.88 20.32 -15.02
N LEU A 407 -5.25 20.38 -16.30
CA LEU A 407 -5.01 21.55 -17.18
C LEU A 407 -5.63 22.83 -16.56
N ASP A 408 -6.75 22.74 -15.84
CA ASP A 408 -7.42 23.90 -15.21
C ASP A 408 -8.42 23.42 -14.19
N ASP A 409 -9.13 24.33 -13.54
CA ASP A 409 -10.05 23.95 -12.45
C ASP A 409 -11.43 23.54 -12.95
N ARG A 410 -11.67 23.39 -14.25
CA ARG A 410 -12.96 22.76 -14.67
C ARG A 410 -13.06 21.33 -14.10
N PHE A 411 -11.93 20.65 -13.86
CA PHE A 411 -11.79 19.32 -13.25
C PHE A 411 -12.58 19.22 -11.95
N ALA A 412 -12.55 20.28 -11.12
CA ALA A 412 -13.19 20.34 -9.78
C ALA A 412 -14.69 19.95 -9.83
N SER A 413 -15.41 20.32 -10.90
CA SER A 413 -16.87 20.03 -11.00
C SER A 413 -17.14 19.04 -12.13
N ALA A 414 -16.13 18.31 -12.63
CA ALA A 414 -16.35 17.26 -13.66
C ALA A 414 -16.58 15.94 -12.92
N LEU A 415 -17.82 15.67 -12.54
CA LEU A 415 -18.15 14.62 -11.53
C LEU A 415 -19.01 13.52 -12.14
N THR A 416 -19.51 13.66 -13.36
CA THR A 416 -20.56 12.73 -13.86
C THR A 416 -19.92 11.34 -14.11
N ALA A 417 -18.82 11.27 -14.87
CA ALA A 417 -18.12 9.98 -15.14
C ALA A 417 -17.61 9.39 -13.82
N LEU A 418 -17.01 10.22 -12.94
CA LEU A 418 -16.42 9.69 -11.69
C LEU A 418 -17.53 9.03 -10.86
N ASN A 419 -18.69 9.70 -10.72
CA ASN A 419 -19.80 9.20 -9.89
C ASN A 419 -20.39 7.97 -10.59
N ASP A 420 -20.54 8.00 -11.90
CA ASP A 420 -21.21 6.89 -12.63
C ASP A 420 -20.30 5.64 -12.72
N MET A 421 -18.97 5.80 -12.74
CA MET A 421 -18.01 4.65 -12.62
C MET A 421 -18.11 4.03 -11.21
N GLY A 422 -18.79 4.69 -10.26
CA GLY A 422 -18.92 4.25 -8.85
C GLY A 422 -17.80 4.75 -7.93
N LYS A 423 -16.88 5.55 -8.41
CA LYS A 423 -15.74 6.04 -7.59
C LYS A 423 -16.15 7.32 -6.82
N VAL A 424 -17.18 7.19 -5.98
CA VAL A 424 -17.80 8.30 -5.21
C VAL A 424 -16.78 8.81 -4.17
N ARG A 425 -16.61 10.12 -4.11
CA ARG A 425 -15.62 10.79 -3.23
C ARG A 425 -16.08 10.67 -1.78
N LYS A 426 -15.10 10.63 -0.87
CA LYS A 426 -15.38 10.50 0.57
C LYS A 426 -15.49 11.89 1.23
N ASP A 427 -16.37 12.03 2.22
CA ASP A 427 -16.45 13.31 3.00
C ASP A 427 -16.77 14.51 2.10
N ILE A 428 -17.73 14.36 1.18
CA ILE A 428 -18.16 15.51 0.34
C ILE A 428 -19.46 15.11 -0.36
N GLN A 429 -20.39 16.04 -0.52
CA GLN A 429 -21.68 15.75 -1.20
C GLN A 429 -21.38 15.30 -2.63
N GLN A 430 -22.16 14.35 -3.16
CA GLN A 430 -21.88 13.77 -4.49
C GLN A 430 -21.66 14.82 -5.57
N TRP A 431 -22.38 15.95 -5.51
CA TRP A 431 -22.28 16.92 -6.64
C TRP A 431 -21.60 18.23 -6.22
N GLU A 432 -21.03 18.28 -5.02
CA GLU A 432 -20.27 19.48 -4.58
C GLU A 432 -18.89 19.43 -5.24
N PRO A 433 -18.39 20.55 -5.78
CA PRO A 433 -17.10 20.55 -6.46
C PRO A 433 -15.93 20.24 -5.52
N SER A 434 -14.94 19.51 -6.03
CA SER A 434 -13.73 19.20 -5.24
C SER A 434 -13.04 20.48 -4.76
N ARG A 435 -12.58 20.49 -3.50
CA ARG A 435 -11.59 21.45 -2.94
C ARG A 435 -10.20 21.05 -3.42
N GLY A 436 -9.47 21.95 -4.09
CA GLY A 436 -8.10 21.68 -4.51
C GLY A 436 -7.10 22.30 -3.54
N TRP A 437 -5.82 21.99 -3.68
CA TRP A 437 -4.74 22.51 -2.83
C TRP A 437 -3.95 23.48 -3.72
N ASN A 438 -3.62 24.65 -3.20
CA ASN A 438 -2.78 25.63 -3.92
C ASN A 438 -1.31 25.40 -3.70
N ASP A 439 -0.89 24.58 -2.74
CA ASP A 439 0.58 24.45 -2.47
C ASP A 439 0.90 22.97 -2.32
N TRP A 440 1.87 22.48 -3.10
CA TRP A 440 2.24 21.05 -3.10
C TRP A 440 2.67 20.58 -1.70
N THR A 441 3.13 21.51 -0.87
CA THR A 441 3.56 21.18 0.52
C THR A 441 2.38 20.90 1.44
N GLN A 442 1.14 21.15 1.00
CA GLN A 442 -0.07 20.92 1.82
C GLN A 442 -0.87 19.73 1.27
N VAL A 443 -0.45 19.13 0.16
CA VAL A 443 -1.21 18.01 -0.49
C VAL A 443 -1.01 16.75 0.33
N PRO A 444 -2.06 16.00 0.72
CA PRO A 444 -1.86 14.71 1.34
C PRO A 444 -1.57 13.63 0.28
N PHE A 445 -0.65 12.69 0.56
CA PHE A 445 -0.39 11.55 -0.37
C PHE A 445 0.28 10.44 0.41
N CYS A 446 -0.23 9.20 0.29
CA CYS A 446 0.34 7.99 0.99
C CYS A 446 0.51 8.27 2.50
N SER A 447 -0.49 8.92 3.10
CA SER A 447 -0.61 9.20 4.55
C SER A 447 0.41 10.27 5.00
N HIS A 448 1.05 10.99 4.08
CA HIS A 448 2.07 12.02 4.42
C HIS A 448 1.71 13.39 3.81
N HIS A 449 2.46 14.40 4.27
CA HIS A 449 2.70 15.66 3.51
C HIS A 449 4.20 15.82 3.45
N PHE A 450 4.65 16.82 2.70
CA PHE A 450 6.06 16.99 2.32
C PHE A 450 6.50 18.43 2.56
N HIS A 451 7.67 18.58 3.18
CA HIS A 451 8.29 19.88 3.48
C HIS A 451 9.47 20.12 2.56
N GLU A 452 9.71 21.38 2.21
CA GLU A 452 10.95 21.86 1.54
C GLU A 452 11.92 22.34 2.63
N LEU A 453 13.10 21.76 2.75
CA LEU A 453 13.98 22.00 3.91
C LEU A 453 15.37 22.36 3.38
N ILE A 454 15.85 23.54 3.72
CA ILE A 454 17.09 24.08 3.12
C ILE A 454 18.24 23.82 4.09
N MET A 455 19.23 23.12 3.58
CA MET A 455 20.44 22.78 4.37
C MET A 455 21.29 24.04 4.55
N LYS A 456 22.00 24.11 5.66
N LYS A 456 22.01 24.10 5.66
CA LYS A 456 22.91 25.25 5.99
CA LYS A 456 22.93 25.22 6.01
C LYS A 456 23.80 25.57 4.78
C LYS A 456 23.79 25.57 4.78
N ASP A 457 24.14 24.57 3.96
CA ASP A 457 24.97 24.77 2.73
C ASP A 457 24.16 25.11 1.49
N GLY A 458 22.85 25.37 1.60
CA GLY A 458 22.03 25.84 0.46
C GLY A 458 21.34 24.72 -0.29
N ARG A 459 21.73 23.45 -0.15
CA ARG A 459 21.09 22.39 -0.95
C ARG A 459 19.67 22.16 -0.37
N VAL A 460 18.81 21.63 -1.21
CA VAL A 460 17.36 21.49 -0.92
C VAL A 460 16.97 20.05 -0.73
N LEU A 461 16.40 19.74 0.45
CA LEU A 461 15.77 18.43 0.73
C LEU A 461 14.23 18.59 0.66
N VAL A 462 13.56 17.66 0.02
CA VAL A 462 12.10 17.50 0.13
C VAL A 462 11.83 16.26 0.94
N VAL A 463 11.27 16.45 2.13
CA VAL A 463 11.21 15.40 3.17
C VAL A 463 9.76 15.02 3.44
N PRO A 464 9.54 13.72 3.73
CA PRO A 464 8.21 13.22 4.17
C PRO A 464 7.88 13.51 5.62
N CYS A 465 6.59 13.68 5.93
CA CYS A 465 6.17 14.11 7.28
C CYS A 465 4.76 13.66 7.58
N ARG A 466 4.47 13.36 8.84
CA ARG A 466 3.07 13.22 9.27
C ARG A 466 3.00 13.51 10.74
N ASN A 467 1.78 13.62 11.26
CA ASN A 467 1.63 14.02 12.68
C ASN A 467 2.49 13.07 13.54
N GLN A 468 3.27 13.58 14.49
CA GLN A 468 4.29 12.75 15.16
C GLN A 468 3.63 11.74 16.11
N ASP A 469 2.43 12.06 16.60
CA ASP A 469 1.70 11.10 17.47
C ASP A 469 1.46 9.80 16.69
N GLU A 470 1.15 9.89 15.39
CA GLU A 470 0.91 8.68 14.58
C GLU A 470 2.22 7.88 14.47
N LEU A 471 3.35 8.55 14.29
CA LEU A 471 4.65 7.87 14.10
C LEU A 471 5.05 7.15 15.41
N ILE A 472 4.93 7.82 16.54
CA ILE A 472 5.32 7.21 17.84
C ILE A 472 4.36 6.10 18.23
N GLY A 473 3.07 6.29 18.01
CA GLY A 473 2.02 5.33 18.34
C GLY A 473 2.18 4.02 17.54
N ARG A 474 2.57 4.10 16.26
CA ARG A 474 2.80 2.91 15.40
C ARG A 474 4.07 2.14 15.84
N ALA A 475 5.17 2.82 16.15
CA ALA A 475 6.45 2.22 16.55
C ALA A 475 6.30 1.53 17.92
N ARG A 476 5.28 1.88 18.71
CA ARG A 476 5.02 1.24 20.05
C ARG A 476 4.19 -0.04 19.92
N ILE A 477 3.84 -0.44 18.70
CA ILE A 477 2.96 -1.61 18.49
C ILE A 477 3.75 -2.69 17.74
N SER A 478 3.55 -3.93 18.17
N SER A 478 3.59 -3.95 18.16
CA SER A 478 3.98 -5.18 17.48
CA SER A 478 4.01 -5.15 17.40
C SER A 478 2.72 -5.95 17.09
C SER A 478 2.81 -6.09 17.22
N GLN A 479 2.86 -6.92 16.18
CA GLN A 479 1.78 -7.89 15.84
C GLN A 479 2.32 -9.31 16.02
N GLY A 480 1.52 -10.19 16.63
CA GLY A 480 1.83 -11.63 16.73
C GLY A 480 2.39 -12.02 18.10
N ALA A 481 2.51 -13.33 18.34
CA ALA A 481 2.95 -13.93 19.61
C ALA A 481 4.41 -14.42 19.50
N GLY A 482 4.97 -14.79 20.65
CA GLY A 482 6.26 -15.49 20.77
C GLY A 482 7.41 -14.55 20.51
N TRP A 483 7.26 -13.23 20.75
CA TRP A 483 8.43 -12.33 20.55
C TRP A 483 9.40 -12.48 21.73
N SER A 484 10.62 -12.84 21.45
CA SER A 484 11.72 -12.76 22.44
C SER A 484 11.99 -11.28 22.76
N LEU A 485 12.80 -10.98 23.79
CA LEU A 485 13.25 -9.60 24.05
C LEU A 485 14.16 -9.13 22.91
N ARG A 486 15.01 -10.04 22.41
CA ARG A 486 15.92 -9.73 21.31
C ARG A 486 15.07 -9.37 20.08
N GLU A 487 14.06 -10.15 19.72
CA GLU A 487 13.27 -9.85 18.51
C GLU A 487 12.49 -8.51 18.69
N THR A 488 12.00 -8.24 19.90
CA THR A 488 11.30 -6.96 20.21
C THR A 488 12.30 -5.80 20.04
N ALA A 489 13.51 -5.94 20.57
CA ALA A 489 14.58 -4.92 20.43
C ALA A 489 14.88 -4.64 18.94
N CYS A 490 15.01 -5.70 18.12
CA CYS A 490 15.40 -5.56 16.69
C CYS A 490 14.24 -4.90 15.91
N LEU A 491 12.98 -5.13 16.26
CA LEU A 491 11.85 -4.35 15.68
C LEU A 491 11.91 -2.86 16.10
N GLY A 492 12.23 -2.58 17.35
CA GLY A 492 12.42 -1.18 17.76
C GLY A 492 13.50 -0.50 16.97
N LYS A 493 14.59 -1.23 16.73
CA LYS A 493 15.74 -0.76 15.92
C LYS A 493 15.30 -0.46 14.50
N SER A 494 14.46 -1.30 13.88
CA SER A 494 13.93 -1.00 12.55
C SER A 494 13.20 0.35 12.56
N TYR A 495 12.30 0.61 13.53
CA TYR A 495 11.57 1.91 13.57
C TYR A 495 12.59 3.04 13.73
N ALA A 496 13.55 2.86 14.63
CA ALA A 496 14.57 3.90 14.91
C ALA A 496 15.33 4.27 13.64
N GLN A 497 15.80 3.29 12.89
CA GLN A 497 16.59 3.57 11.65
C GLN A 497 15.70 4.21 10.55
N MET A 498 14.42 3.80 10.49
CA MET A 498 13.47 4.46 9.57
C MET A 498 13.39 5.93 9.96
N TRP A 499 13.23 6.22 11.23
CA TRP A 499 13.14 7.63 11.67
C TRP A 499 14.42 8.43 11.31
N SER A 500 15.61 7.85 11.50
N SER A 500 15.62 7.86 11.50
CA SER A 500 16.90 8.53 11.19
CA SER A 500 16.91 8.54 11.19
C SER A 500 16.97 8.84 9.70
C SER A 500 16.97 8.84 9.69
N LEU A 501 16.40 7.99 8.83
CA LEU A 501 16.44 8.19 7.38
C LEU A 501 15.33 9.08 6.82
N MET A 502 14.10 8.96 7.30
CA MET A 502 12.92 9.60 6.71
C MET A 502 12.52 10.84 7.53
N TYR A 503 12.68 10.82 8.86
CA TYR A 503 12.03 11.79 9.78
C TYR A 503 13.12 12.46 10.66
N PHE A 504 14.36 12.53 10.17
CA PHE A 504 15.54 13.10 10.88
C PHE A 504 15.30 14.56 11.23
N HIS A 505 14.39 15.19 10.48
CA HIS A 505 14.00 16.63 10.58
C HIS A 505 13.06 16.93 11.74
N ARG A 506 12.53 15.90 12.41
CA ARG A 506 11.66 16.06 13.61
C ARG A 506 12.57 15.88 14.82
N ARG A 507 12.76 16.94 15.61
CA ARG A 507 13.65 16.91 16.79
C ARG A 507 13.43 15.65 17.65
N ASP A 508 12.19 15.36 18.05
CA ASP A 508 11.89 14.29 19.01
C ASP A 508 12.26 12.93 18.40
N LEU A 509 12.13 12.77 17.07
CA LEU A 509 12.32 11.43 16.48
C LEU A 509 13.82 11.22 16.29
N ARG A 510 14.59 12.26 15.98
CA ARG A 510 16.05 12.02 15.79
C ARG A 510 16.63 11.65 17.16
N LEU A 511 16.15 12.31 18.22
CA LEU A 511 16.58 12.01 19.61
C LEU A 511 16.15 10.59 20.01
N ALA A 512 14.90 10.23 19.82
CA ALA A 512 14.39 8.90 20.22
C ALA A 512 15.11 7.81 19.39
N ALA A 513 15.38 8.07 18.13
CA ALA A 513 16.06 7.10 17.23
C ALA A 513 17.48 6.85 17.73
N ASN A 514 18.20 7.92 18.02
CA ASN A 514 19.55 7.82 18.65
C ASN A 514 19.47 7.04 19.96
N ALA A 515 18.52 7.34 20.82
CA ALA A 515 18.33 6.60 22.09
C ALA A 515 18.11 5.10 21.84
N ILE A 516 17.13 4.72 21.01
CA ILE A 516 16.84 3.29 20.74
C ILE A 516 18.12 2.63 20.18
N CYS A 517 18.82 3.25 19.22
CA CYS A 517 20.02 2.65 18.58
C CYS A 517 21.14 2.52 19.63
N SER A 518 21.12 3.35 20.67
CA SER A 518 22.13 3.28 21.75
C SER A 518 21.74 2.14 22.72
N ALA A 519 20.44 1.82 22.78
CA ALA A 519 19.88 0.90 23.80
C ALA A 519 19.92 -0.53 23.28
N VAL A 520 19.97 -0.71 21.98
CA VAL A 520 19.94 -2.06 21.37
C VAL A 520 21.39 -2.41 20.97
N PRO A 521 21.86 -3.67 21.19
CA PRO A 521 23.25 -4.00 20.85
C PRO A 521 23.56 -3.60 19.40
N SER A 522 24.72 -2.98 19.20
N SER A 522 24.74 -3.02 19.21
CA SER A 522 25.19 -2.37 17.93
CA SER A 522 25.19 -2.37 17.94
C SER A 522 25.03 -3.34 16.75
C SER A 522 25.09 -3.33 16.75
N HIS A 523 25.43 -4.61 16.93
CA HIS A 523 25.48 -5.62 15.83
C HIS A 523 24.15 -6.36 15.62
N TRP A 524 23.15 -6.16 16.48
CA TRP A 524 21.85 -6.85 16.26
C TRP A 524 21.16 -6.26 15.05
N VAL A 525 20.56 -7.14 14.29
CA VAL A 525 20.08 -6.86 12.92
C VAL A 525 18.61 -6.44 13.00
N PRO A 526 18.24 -5.28 12.46
CA PRO A 526 16.82 -4.89 12.47
C PRO A 526 15.91 -5.90 11.78
N THR A 527 14.72 -6.15 12.35
CA THR A 527 13.74 -7.09 11.78
C THR A 527 12.36 -6.49 11.70
N SER A 528 11.54 -7.10 10.85
CA SER A 528 10.09 -6.91 10.71
C SER A 528 9.51 -8.27 10.30
N ARG A 529 8.31 -8.60 10.79
CA ARG A 529 7.55 -9.82 10.39
C ARG A 529 6.67 -9.48 9.18
N THR A 530 6.33 -8.20 8.99
CA THR A 530 5.46 -7.70 7.89
C THR A 530 6.07 -6.44 7.26
N ALA A 536 7.08 0.49 -1.14
CA ALA A 536 8.21 1.36 -0.73
C ALA A 536 9.51 0.53 -0.59
N THR A 537 10.65 1.20 -0.81
CA THR A 537 12.02 0.64 -0.63
C THR A 537 12.45 0.85 0.83
N HIS A 538 13.00 -0.17 1.49
N HIS A 538 13.05 -0.19 1.43
CA HIS A 538 13.26 -0.15 2.95
CA HIS A 538 13.32 -0.28 2.89
C HIS A 538 14.77 -0.05 3.21
C HIS A 538 14.81 -0.08 3.18
N GLU A 539 15.36 1.11 2.91
CA GLU A 539 16.82 1.33 3.04
C GLU A 539 17.30 1.33 4.49
N TRP A 540 16.39 1.46 5.49
CA TRP A 540 16.78 1.44 6.92
C TRP A 540 16.97 -0.01 7.40
N MET A 541 16.65 -1.01 6.58
CA MET A 541 16.72 -2.43 7.03
C MET A 541 18.15 -2.91 6.71
N THR A 542 19.10 -2.62 7.59
CA THR A 542 20.57 -2.76 7.33
C THR A 542 21.34 -2.57 8.63
N THR A 543 22.54 -3.13 8.74
CA THR A 543 23.46 -2.86 9.88
C THR A 543 24.56 -1.87 9.45
N GLU A 544 24.54 -1.38 8.22
CA GLU A 544 25.41 -0.25 7.79
C GLU A 544 25.15 0.99 8.66
N ASP A 545 26.17 1.79 8.86
CA ASP A 545 26.15 3.07 9.60
C ASP A 545 25.07 3.98 8.99
N MET A 546 24.20 4.59 9.83
CA MET A 546 23.01 5.35 9.30
C MET A 546 23.46 6.64 8.63
N LEU A 547 24.62 7.21 8.97
CA LEU A 547 25.09 8.43 8.26
C LEU A 547 25.48 8.04 6.82
N THR A 548 26.10 6.88 6.63
CA THR A 548 26.50 6.41 5.29
C THR A 548 25.26 6.18 4.41
N VAL A 549 24.24 5.52 4.96
CA VAL A 549 22.96 5.28 4.26
C VAL A 549 22.27 6.62 3.96
N TRP A 550 22.29 7.59 4.89
CA TRP A 550 21.67 8.91 4.69
C TRP A 550 22.35 9.56 3.47
N ASN A 551 23.68 9.53 3.43
CA ASN A 551 24.44 10.13 2.29
C ASN A 551 24.06 9.43 0.98
N ARG A 552 23.96 8.11 0.95
CA ARG A 552 23.63 7.39 -0.26
C ARG A 552 22.22 7.80 -0.73
N VAL A 553 21.23 7.85 0.16
CA VAL A 553 19.81 8.07 -0.21
C VAL A 553 19.57 9.55 -0.56
N TRP A 554 20.04 10.50 0.24
CA TRP A 554 19.64 11.91 0.10
C TRP A 554 20.61 12.67 -0.80
N ILE A 555 21.86 12.20 -1.02
CA ILE A 555 22.86 12.96 -1.82
C ILE A 555 23.21 12.11 -3.03
N GLN A 556 23.90 10.99 -2.86
CA GLN A 556 24.58 10.26 -3.97
C GLN A 556 23.52 9.81 -4.99
N GLU A 557 22.47 9.09 -4.57
CA GLU A 557 21.50 8.46 -5.48
C GLU A 557 20.29 9.39 -5.73
N ASN A 558 20.31 10.61 -5.23
CA ASN A 558 19.15 11.54 -5.32
C ASN A 558 19.24 12.30 -6.66
N PRO A 559 18.37 12.00 -7.64
CA PRO A 559 18.46 12.67 -8.93
C PRO A 559 18.07 14.15 -8.86
N TRP A 560 17.50 14.63 -7.75
CA TRP A 560 17.18 16.08 -7.63
C TRP A 560 18.32 16.90 -6.99
N MET A 561 19.45 16.29 -6.59
CA MET A 561 20.60 16.94 -5.85
C MET A 561 21.79 16.97 -6.82
N GLU A 562 22.12 18.13 -7.39
CA GLU A 562 23.18 18.21 -8.42
C GLU A 562 24.57 18.13 -7.74
N ASP A 563 24.80 18.86 -6.65
CA ASP A 563 26.05 18.82 -5.87
C ASP A 563 26.10 17.55 -5.03
N LYS A 564 27.12 16.72 -5.21
CA LYS A 564 27.19 15.38 -4.58
C LYS A 564 28.17 15.40 -3.40
N THR A 565 28.46 16.56 -2.83
CA THR A 565 29.40 16.66 -1.68
C THR A 565 28.80 15.91 -0.51
N PRO A 566 29.48 14.86 0.04
CA PRO A 566 28.94 14.11 1.16
C PRO A 566 28.82 14.99 2.40
N VAL A 567 27.87 14.66 3.24
CA VAL A 567 27.71 15.32 4.56
C VAL A 567 28.61 14.54 5.54
N GLU A 568 29.34 15.21 6.43
CA GLU A 568 30.40 14.55 7.26
C GLU A 568 29.85 14.21 8.64
N SER A 569 28.75 14.83 9.07
CA SER A 569 28.18 14.58 10.43
C SER A 569 26.69 14.91 10.44
N TRP A 570 26.01 14.33 11.40
CA TRP A 570 24.56 14.54 11.60
C TRP A 570 24.28 16.04 11.86
N GLU A 571 25.21 16.82 12.39
CA GLU A 571 24.95 18.26 12.69
C GLU A 571 24.81 19.08 11.40
N GLU A 572 25.35 18.63 10.29
CA GLU A 572 25.09 19.28 8.97
C GLU A 572 23.63 19.06 8.51
N ILE A 573 22.92 18.12 9.14
CA ILE A 573 21.61 17.67 8.58
C ILE A 573 20.53 18.46 9.34
N PRO A 574 19.71 19.29 8.65
CA PRO A 574 18.82 20.23 9.33
C PRO A 574 17.53 19.62 9.92
N TYR A 575 16.88 20.41 10.77
CA TYR A 575 15.51 20.17 11.26
C TYR A 575 14.50 21.11 10.56
N LEU A 576 13.20 20.81 10.66
CA LEU A 576 12.12 21.77 10.41
C LEU A 576 12.36 22.99 11.31
N GLY A 577 11.78 24.14 10.99
CA GLY A 577 11.64 25.24 11.97
C GLY A 577 10.99 24.72 13.24
N LYS A 578 11.38 25.33 14.38
CA LYS A 578 10.89 24.99 15.74
C LYS A 578 9.35 25.08 15.78
N ARG A 579 8.75 26.10 15.17
CA ARG A 579 7.28 26.28 15.24
C ARG A 579 6.63 25.16 14.40
N GLU A 580 7.13 24.94 13.19
CA GLU A 580 6.63 23.92 12.21
C GLU A 580 6.76 22.49 12.77
N ASP A 581 7.78 22.25 13.61
CA ASP A 581 7.97 20.94 14.31
C ASP A 581 6.82 20.78 15.30
N GLN A 582 6.50 21.83 16.06
CA GLN A 582 5.33 21.82 17.00
C GLN A 582 4.05 21.56 16.19
N TRP A 583 3.80 22.37 15.15
CA TRP A 583 2.60 22.23 14.29
C TRP A 583 2.40 20.76 13.90
N CYS A 584 3.49 20.02 13.62
CA CYS A 584 3.44 18.61 13.17
C CYS A 584 3.55 17.65 14.36
N GLY A 585 3.35 18.12 15.60
CA GLY A 585 3.11 17.28 16.80
C GLY A 585 4.29 17.22 17.77
N SER A 586 5.39 17.94 17.54
CA SER A 586 6.56 17.90 18.44
C SER A 586 6.17 18.33 19.86
N LEU A 587 6.85 17.78 20.85
CA LEU A 587 6.74 18.19 22.28
C LEU A 587 7.83 19.19 22.64
N ILE A 588 8.70 19.63 21.70
CA ILE A 588 9.71 20.68 22.05
C ILE A 588 8.95 21.80 22.78
N GLY A 589 9.45 22.21 23.95
CA GLY A 589 8.84 23.28 24.74
C GLY A 589 8.11 22.78 25.99
N LEU A 590 7.76 21.49 26.07
CA LEU A 590 7.06 20.93 27.25
C LEU A 590 8.07 20.40 28.28
N THR A 591 7.78 20.65 29.56
CA THR A 591 8.60 20.17 30.69
C THR A 591 8.81 18.67 30.60
N SER A 592 7.79 17.85 30.34
CA SER A 592 7.93 16.38 30.15
C SER A 592 9.08 16.07 29.15
N ARG A 593 9.13 16.80 28.04
CA ARG A 593 10.05 16.51 26.92
C ARG A 593 11.45 16.91 27.39
N ALA A 594 11.60 18.07 28.02
CA ALA A 594 12.92 18.56 28.48
C ALA A 594 13.54 17.58 29.49
N THR A 595 12.74 17.03 30.39
CA THR A 595 13.24 16.08 31.41
C THR A 595 13.69 14.80 30.69
N TRP A 596 12.88 14.32 29.77
CA TRP A 596 13.21 13.10 28.98
C TRP A 596 14.55 13.31 28.26
N ALA A 597 14.71 14.39 27.50
CA ALA A 597 15.96 14.68 26.73
C ALA A 597 17.17 14.80 27.66
N LYS A 598 17.02 15.56 28.75
CA LYS A 598 18.13 15.78 29.72
C LYS A 598 18.57 14.45 30.35
N ASN A 599 17.62 13.58 30.70
CA ASN A 599 17.90 12.33 31.42
C ASN A 599 17.94 11.11 30.50
N ILE A 600 18.15 11.29 29.19
CA ILE A 600 17.97 10.17 28.20
C ILE A 600 18.94 8.99 28.51
N GLN A 601 20.13 9.27 29.02
N GLN A 601 20.13 9.28 29.03
CA GLN A 601 21.14 8.21 29.33
CA GLN A 601 21.14 8.22 29.32
C GLN A 601 20.60 7.26 30.40
C GLN A 601 20.62 7.27 30.42
N THR A 602 19.79 7.77 31.34
CA THR A 602 19.11 6.91 32.36
C THR A 602 18.11 5.94 31.69
N ALA A 603 17.38 6.39 30.68
CA ALA A 603 16.39 5.55 29.97
C ALA A 603 17.15 4.53 29.16
N ILE A 604 18.21 4.98 28.47
CA ILE A 604 19.03 4.05 27.65
C ILE A 604 19.55 2.95 28.58
N ASN A 605 20.03 3.33 29.76
CA ASN A 605 20.68 2.39 30.71
C ASN A 605 19.61 1.44 31.28
N GLN A 606 18.36 1.88 31.44
CA GLN A 606 17.28 0.98 31.89
C GLN A 606 17.10 -0.17 30.89
N VAL A 607 17.01 0.15 29.60
CA VAL A 607 16.78 -0.87 28.56
C VAL A 607 18.05 -1.76 28.43
N ARG A 608 19.26 -1.17 28.50
CA ARG A 608 20.53 -1.96 28.45
C ARG A 608 20.56 -2.98 29.59
N SER A 609 20.16 -2.57 30.79
CA SER A 609 20.10 -3.48 31.96
C SER A 609 19.13 -4.62 31.70
N LEU A 610 17.99 -4.39 31.06
CA LEU A 610 17.01 -5.47 30.81
C LEU A 610 17.59 -6.44 29.77
N ILE A 611 18.20 -5.93 28.69
CA ILE A 611 18.71 -6.79 27.58
C ILE A 611 19.94 -7.58 28.09
N GLY A 612 20.77 -6.94 28.91
CA GLY A 612 21.92 -7.52 29.64
C GLY A 612 23.28 -7.02 29.14
N ASN A 613 24.31 -7.81 29.37
CA ASN A 613 25.73 -7.46 29.13
C ASN A 613 26.13 -7.78 27.67
N GLU A 614 25.93 -6.82 26.78
CA GLU A 614 26.00 -6.97 25.31
C GLU A 614 26.91 -5.82 24.85
N GLU A 615 27.29 -5.80 23.60
CA GLU A 615 28.12 -4.68 23.10
C GLU A 615 27.14 -3.61 22.61
N TYR A 616 27.22 -2.41 23.17
CA TYR A 616 26.43 -1.21 22.80
C TYR A 616 27.35 -0.06 22.36
N THR A 617 26.82 0.83 21.50
CA THR A 617 27.45 2.12 21.08
C THR A 617 26.61 3.31 21.59
N ASP A 618 27.25 4.36 22.10
CA ASP A 618 26.52 5.61 22.45
C ASP A 618 26.37 6.45 21.16
N TYR A 619 25.16 6.56 20.61
CA TYR A 619 24.93 7.47 19.46
C TYR A 619 24.50 8.87 19.91
N MET A 620 24.28 9.13 21.20
CA MET A 620 23.79 10.48 21.60
C MET A 620 24.77 11.64 21.25
N PRO A 621 26.13 11.55 21.37
CA PRO A 621 27.05 12.65 20.99
C PRO A 621 27.13 13.07 19.50
N SER A 622 26.46 12.33 18.60
CA SER A 622 26.12 12.73 17.20
C SER A 622 25.20 13.97 17.20
N MET A 623 24.54 14.25 18.34
CA MET A 623 23.71 15.47 18.54
C MET A 623 24.52 16.50 19.33
N LYS A 624 24.43 17.78 18.91
CA LYS A 624 25.15 18.94 19.49
C LYS A 624 25.09 18.96 21.04
N ARG A 625 23.87 18.83 21.61
CA ARG A 625 23.60 19.03 23.06
C ARG A 625 24.26 17.94 23.92
N PHE A 626 24.55 16.76 23.34
CA PHE A 626 25.16 15.61 24.09
C PHE A 626 26.66 15.54 23.75
N ARG A 627 27.08 16.38 22.81
CA ARG A 627 28.51 16.57 22.49
C ARG A 627 29.07 17.45 23.62
N ARG A 628 29.33 16.83 24.78
CA ARG A 628 29.82 17.48 26.04
C ARG A 628 29.09 18.80 26.25
ZN ZN B . 4.97 18.14 8.75
ZN ZN C . -8.68 -22.53 -8.77
O1 MES D . 10.92 -7.02 28.93
O1 MES D . 10.84 -6.90 28.77
C2 MES D . 10.22 -6.82 30.15
C2 MES D . 10.12 -6.63 29.96
C3 MES D . 8.94 -6.04 29.92
C3 MES D . 9.16 -5.48 29.78
N4 MES D . 9.25 -4.72 29.30
N4 MES D . 9.92 -4.25 29.36
C5 MES D . 10.04 -4.93 28.05
C5 MES D . 10.71 -4.57 28.13
C6 MES D . 11.26 -5.78 28.33
C6 MES D . 11.59 -5.77 28.39
C7 MES D . 8.00 -3.95 29.04
C7 MES D . 9.02 -3.08 29.14
C8 MES D . 8.19 -2.44 29.09
C8 MES D . 7.56 -3.47 28.98
S MES D . 6.63 -1.55 28.98
S MES D . 6.46 -2.07 29.14
O1S MES D . 6.01 -1.69 30.23
O1S MES D . 7.23 -1.04 29.77
O2S MES D . 7.06 -0.20 28.63
O2S MES D . 6.05 -1.73 27.81
O3S MES D . 5.93 -2.16 27.87
O3S MES D . 5.37 -2.51 29.96
S DMS E . 21.83 6.15 15.00
O DMS E . 22.62 7.26 14.20
C1 DMS E . 22.09 4.62 14.17
C2 DMS E . 20.16 6.44 14.43
S DMS F . 21.63 21.60 13.54
O DMS F . 21.22 20.63 12.44
C1 DMS F . 22.10 20.61 14.95
C2 DMS F . 20.16 22.32 14.22
S DMS G . 9.28 -0.92 10.00
O DMS G . 10.33 -1.47 9.05
C1 DMS G . 8.27 0.11 8.99
C2 DMS G . 10.06 0.36 10.87
C1 PEG H . 17.92 -3.15 2.53
O1 PEG H . 18.13 -2.13 1.57
C2 PEG H . 17.31 -4.38 1.93
O2 PEG H . 16.99 -5.31 2.96
C3 PEG H . 15.99 -6.27 2.58
C4 PEG H . 14.62 -5.73 2.86
O4 PEG H . 14.17 -6.00 4.18
P PO4 I . -5.47 11.23 -1.38
O1 PO4 I . -6.27 12.33 -0.38
O2 PO4 I . -6.26 11.02 -2.87
O3 PO4 I . -3.95 11.76 -1.72
O4 PO4 I . -5.41 9.93 -0.65
P PO4 J . -10.03 -12.83 -24.13
O1 PO4 J . -10.63 -13.00 -22.69
O2 PO4 J . -10.80 -11.68 -24.82
O3 PO4 J . -8.51 -12.49 -24.02
O4 PO4 J . -10.22 -14.14 -24.98
C1 PEG K . 13.41 12.25 -11.99
O1 PEG K . 14.53 11.40 -12.08
C2 PEG K . 13.65 13.55 -12.67
O2 PEG K . 14.73 14.21 -12.04
C3 PEG K . 15.32 15.24 -12.82
C4 PEG K . 15.29 16.53 -12.06
O4 PEG K . 16.58 17.09 -11.84
C4 WHM L . 12.82 24.42 22.25
C5 WHM L . 11.73 25.39 22.61
C6 WHM L . 11.96 27.52 21.23
C7 WHM L . 11.26 28.41 22.21
C8 WHM L . 9.80 28.29 21.80
N WHM L . 11.29 26.22 21.47
C WHM L . 14.29 23.43 20.65
O WHM L . 8.89 25.80 21.99
C1 WHM L . 14.81 22.56 21.57
C2 WHM L . 14.32 22.63 22.86
C3 WHM L . 13.34 23.55 23.20
C9 WHM L . 13.32 24.35 20.95
F WHM L . 14.71 23.34 19.37
O1 WHM L . 9.50 26.61 19.77
S WHM L . 9.73 26.62 21.18
#